data_4HJ2
#
_entry.id   4HJ2
#
_cell.length_a   99.000
_cell.length_b   93.530
_cell.length_c   51.180
_cell.angle_alpha   90.000
_cell.angle_beta   93.910
_cell.angle_gamma   90.000
#
_symmetry.space_group_name_H-M   'C 1 2 1'
#
loop_
_entity.id
_entity.type
_entity.pdbx_description
1 polymer 'Glutathione S-transferase A1'
2 non-polymer L-gamma-glutamyl-S-(2-{[4-(3-carboxypropyl)phenyl](2-chloroethyl)amino}ethyl)-L-cysteinylglycine
3 water water
#
_entity_poly.entity_id   1
_entity_poly.type   'polypeptide(L)'
_entity_poly.pdbx_seq_one_letter_code
;KPKLHYFNARGRMESTRWLLAAAGVEFEEKFIKSAEDLDKLRNDGYLMFQQVPMVEIDGMKLVQTRAILNYIASKYNLYG
KDIKERALIDMYIEGIADLGEMILLLPVCPPEEKDAKLALIKEKIKNRYFPAFEKVLKSHGQDYLVGNKLSRADIHLVEL
LYYVEELDSSLISSFPLLKALKTRISNLPTVKKFLQPGSPRKPPMDEKSLEEARKIF
;
_entity_poly.pdbx_strand_id   A,B
#
# COMPACT_ATOMS: atom_id res chain seq x y z
N LYS A 1 15.75 -11.12 18.04
CA LYS A 1 14.57 -11.58 17.25
C LYS A 1 13.59 -10.43 17.03
N PRO A 2 12.98 -10.36 15.84
CA PRO A 2 12.02 -9.30 15.53
C PRO A 2 10.96 -9.25 16.63
N LYS A 3 10.64 -8.04 17.10
CA LYS A 3 9.64 -7.86 18.15
C LYS A 3 8.44 -7.19 17.49
N LEU A 4 7.28 -7.82 17.52
CA LEU A 4 6.09 -7.24 16.90
C LEU A 4 5.19 -6.62 17.94
N HIS A 5 4.89 -5.33 17.78
CA HIS A 5 4.02 -4.62 18.71
C HIS A 5 2.64 -4.44 18.08
N TYR A 6 1.64 -5.06 18.70
CA TYR A 6 0.27 -4.97 18.21
C TYR A 6 -0.60 -5.60 19.30
N PHE A 7 -1.93 -5.51 19.18
CA PHE A 7 -2.75 -6.14 20.20
C PHE A 7 -2.93 -7.61 19.82
N ASN A 8 -3.38 -8.43 20.76
CA ASN A 8 -3.54 -9.86 20.49
C ASN A 8 -4.67 -10.15 19.51
N ALA A 9 -4.43 -9.89 18.23
CA ALA A 9 -5.42 -10.13 17.18
C ALA A 9 -4.76 -10.15 15.82
N ARG A 10 -5.52 -10.53 14.80
CA ARG A 10 -5.02 -10.58 13.44
C ARG A 10 -4.76 -9.16 12.96
N GLY A 11 -5.85 -8.40 12.81
CA GLY A 11 -5.77 -7.02 12.39
C GLY A 11 -4.77 -6.79 11.29
N ARG A 12 -4.00 -5.71 11.41
CA ARG A 12 -3.01 -5.37 10.40
C ARG A 12 -1.66 -6.07 10.54
N MET A 13 -1.48 -6.81 11.64
CA MET A 13 -0.22 -7.52 11.90
C MET A 13 -0.15 -8.97 11.40
N GLU A 14 -1.30 -9.58 11.15
CA GLU A 14 -1.32 -10.97 10.71
C GLU A 14 -0.51 -11.35 9.46
N SER A 15 -0.49 -10.49 8.45
CA SER A 15 0.25 -10.82 7.23
C SER A 15 1.74 -10.92 7.55
N THR A 16 2.19 -10.09 8.48
CA THR A 16 3.60 -10.09 8.89
C THR A 16 3.91 -11.39 9.61
N ARG A 17 3.01 -11.80 10.50
CA ARG A 17 3.18 -13.04 11.25
C ARG A 17 3.33 -14.20 10.26
N TRP A 18 2.44 -14.23 9.26
CA TRP A 18 2.49 -15.26 8.24
C TRP A 18 3.80 -15.25 7.46
N LEU A 19 4.29 -14.06 7.07
CA LEU A 19 5.52 -13.98 6.28
C LEU A 19 6.77 -14.41 7.04
N LEU A 20 6.92 -13.95 8.29
CA LEU A 20 8.05 -14.33 9.11
C LEU A 20 8.08 -15.83 9.32
N ALA A 21 6.97 -16.37 9.82
CA ALA A 21 6.88 -17.80 10.05
C ALA A 21 7.19 -18.58 8.78
N ALA A 22 6.66 -18.12 7.66
CA ALA A 22 6.89 -18.80 6.39
C ALA A 22 8.38 -18.77 6.05
N ALA A 23 9.06 -17.72 6.49
CA ALA A 23 10.48 -17.58 6.22
C ALA A 23 11.25 -18.36 7.28
N GLY A 24 10.52 -18.98 8.20
CA GLY A 24 11.13 -19.74 9.27
C GLY A 24 11.89 -18.86 10.25
N VAL A 25 11.40 -17.64 10.45
CA VAL A 25 12.03 -16.70 11.38
C VAL A 25 11.26 -16.63 12.70
N GLU A 26 11.95 -16.94 13.79
CA GLU A 26 11.34 -16.91 15.12
C GLU A 26 11.15 -15.47 15.56
N PHE A 27 9.94 -15.13 16.01
CA PHE A 27 9.70 -13.76 16.44
C PHE A 27 9.04 -13.63 17.80
N GLU A 28 9.05 -12.41 18.31
CA GLU A 28 8.48 -12.09 19.61
C GLU A 28 7.31 -11.14 19.44
N GLU A 29 6.36 -11.19 20.37
CA GLU A 29 5.22 -10.30 20.33
C GLU A 29 5.05 -9.60 21.66
N LYS A 30 4.93 -8.27 21.62
CA LYS A 30 4.73 -7.47 22.84
C LYS A 30 3.31 -6.95 22.71
N PHE A 31 2.37 -7.72 23.26
CA PHE A 31 0.96 -7.38 23.18
C PHE A 31 0.49 -6.13 23.92
N ILE A 32 -0.16 -5.24 23.18
CA ILE A 32 -0.75 -4.03 23.73
C ILE A 32 -2.08 -4.52 24.27
N LYS A 33 -2.35 -4.23 25.54
CA LYS A 33 -3.60 -4.69 26.15
C LYS A 33 -4.54 -3.54 26.43
N SER A 34 -3.98 -2.34 26.54
CA SER A 34 -4.78 -1.16 26.85
C SER A 34 -4.39 0.06 26.04
N ALA A 35 -5.23 1.08 26.11
CA ALA A 35 -4.99 2.33 25.41
C ALA A 35 -3.75 2.99 26.02
N GLU A 36 -3.50 2.70 27.29
CA GLU A 36 -2.35 3.25 28.00
C GLU A 36 -1.06 2.57 27.54
N ASP A 37 -1.16 1.29 27.17
CA ASP A 37 0.01 0.57 26.68
C ASP A 37 0.43 1.18 25.34
N LEU A 38 -0.55 1.61 24.57
CA LEU A 38 -0.29 2.23 23.29
C LEU A 38 0.31 3.63 23.45
N ASP A 39 -0.29 4.44 24.30
CA ASP A 39 0.15 5.82 24.53
C ASP A 39 1.62 5.92 24.89
N LYS A 40 2.12 4.89 25.53
CA LYS A 40 3.49 4.85 25.97
C LYS A 40 4.41 4.63 24.78
N LEU A 41 4.02 3.73 23.88
CA LEU A 41 4.83 3.48 22.71
C LEU A 41 4.94 4.82 22.02
N ARG A 42 3.83 5.54 21.99
CA ARG A 42 3.79 6.86 21.35
C ARG A 42 4.76 7.81 22.06
N ASN A 43 4.48 8.12 23.31
CA ASN A 43 5.32 9.02 24.08
C ASN A 43 6.78 8.58 24.14
N ASP A 44 7.03 7.29 23.95
CA ASP A 44 8.40 6.78 23.97
C ASP A 44 9.09 6.94 22.62
N GLY A 45 8.41 7.63 21.70
CA GLY A 45 8.97 7.88 20.37
C GLY A 45 9.17 6.65 19.50
N TYR A 46 8.49 5.56 19.83
CA TYR A 46 8.61 4.32 19.07
C TYR A 46 7.76 4.28 17.80
N LEU A 47 6.70 5.09 17.76
CA LEU A 47 5.78 5.10 16.62
C LEU A 47 5.83 6.38 15.79
N MET A 48 6.41 6.31 14.61
CA MET A 48 6.52 7.51 13.76
C MET A 48 5.23 8.28 13.54
N PHE A 49 4.13 7.58 13.27
CA PHE A 49 2.86 8.25 13.07
C PHE A 49 1.89 7.90 14.20
N GLN A 50 2.46 7.57 15.34
CA GLN A 50 1.70 7.23 16.54
C GLN A 50 0.77 6.05 16.33
N GLN A 51 1.13 5.16 15.42
CA GLN A 51 0.31 3.99 15.15
C GLN A 51 1.11 2.70 15.17
N VAL A 52 0.37 1.59 15.25
CA VAL A 52 0.97 0.27 15.18
C VAL A 52 0.17 -0.30 14.00
N PRO A 53 0.62 -1.41 13.40
CA PRO A 53 1.80 -2.20 13.71
C PRO A 53 3.15 -1.50 13.70
N MET A 54 4.02 -1.94 14.60
CA MET A 54 5.37 -1.42 14.69
C MET A 54 6.16 -2.69 14.91
N VAL A 55 7.31 -2.78 14.27
CA VAL A 55 8.16 -3.95 14.39
C VAL A 55 9.61 -3.57 14.62
N GLU A 56 10.22 -4.13 15.66
CA GLU A 56 11.62 -3.88 15.96
C GLU A 56 12.40 -4.96 15.27
N ILE A 57 13.13 -4.55 14.24
CA ILE A 57 13.93 -5.46 13.45
C ILE A 57 15.23 -4.80 13.03
N ASP A 58 16.32 -5.56 13.15
CA ASP A 58 17.65 -5.11 12.79
C ASP A 58 18.02 -3.70 13.21
N GLY A 59 17.74 -3.34 14.45
CA GLY A 59 18.11 -2.02 14.94
C GLY A 59 17.19 -0.84 14.73
N MET A 60 16.10 -1.01 14.00
CA MET A 60 15.19 0.12 13.80
C MET A 60 13.73 -0.21 14.08
N LYS A 61 12.94 0.82 14.33
CA LYS A 61 11.54 0.66 14.64
C LYS A 61 10.67 0.97 13.43
N LEU A 62 10.26 -0.07 12.71
CA LEU A 62 9.46 0.10 11.51
C LEU A 62 7.96 0.11 11.72
N VAL A 63 7.29 1.15 11.26
CA VAL A 63 5.83 1.20 11.33
C VAL A 63 5.37 1.15 9.88
N GLN A 64 4.06 1.06 9.66
CA GLN A 64 3.48 0.96 8.32
C GLN A 64 3.64 -0.44 7.77
N THR A 65 2.52 -1.15 7.75
CA THR A 65 2.44 -2.52 7.28
C THR A 65 3.30 -2.85 6.06
N ARG A 66 3.16 -2.06 5.01
CA ARG A 66 3.90 -2.32 3.79
C ARG A 66 5.40 -2.15 3.94
N ALA A 67 5.84 -1.25 4.81
CA ALA A 67 7.26 -1.05 5.02
C ALA A 67 7.82 -2.31 5.70
N ILE A 68 7.08 -2.78 6.69
CA ILE A 68 7.44 -3.98 7.43
C ILE A 68 7.54 -5.18 6.50
N LEU A 69 6.48 -5.44 5.74
CA LEU A 69 6.46 -6.58 4.83
C LEU A 69 7.54 -6.50 3.74
N ASN A 70 7.69 -5.33 3.11
CA ASN A 70 8.69 -5.15 2.05
C ASN A 70 10.11 -5.45 2.55
N TYR A 71 10.41 -4.99 3.76
CA TYR A 71 11.72 -5.21 4.37
C TYR A 71 11.96 -6.71 4.64
N ILE A 72 11.00 -7.35 5.28
CA ILE A 72 11.12 -8.78 5.59
C ILE A 72 11.21 -9.59 4.30
N ALA A 73 10.34 -9.30 3.33
CA ALA A 73 10.35 -10.04 2.07
C ALA A 73 11.72 -9.94 1.37
N SER A 74 12.33 -8.74 1.35
CA SER A 74 13.63 -8.57 0.70
C SER A 74 14.74 -9.29 1.45
N LYS A 75 14.75 -9.12 2.77
CA LYS A 75 15.78 -9.73 3.61
C LYS A 75 15.81 -11.24 3.49
N TYR A 76 14.63 -11.86 3.43
CA TYR A 76 14.56 -13.31 3.35
C TYR A 76 14.32 -13.88 1.95
N ASN A 77 14.77 -13.14 0.95
CA ASN A 77 14.68 -13.53 -0.45
C ASN A 77 13.34 -14.09 -0.90
N LEU A 78 12.29 -13.38 -0.52
CA LEU A 78 10.94 -13.74 -0.86
C LEU A 78 10.34 -12.63 -1.70
N TYR A 79 11.19 -11.76 -2.22
CA TYR A 79 10.75 -10.64 -3.03
C TYR A 79 11.20 -10.79 -4.49
N GLY A 80 11.38 -12.02 -4.95
CA GLY A 80 11.81 -12.23 -6.32
C GLY A 80 13.30 -11.99 -6.54
N LYS A 81 13.76 -12.20 -7.78
CA LYS A 81 15.19 -12.04 -8.10
C LYS A 81 15.63 -10.72 -8.75
N ASP A 82 14.67 -9.92 -9.22
CA ASP A 82 15.00 -8.64 -9.84
C ASP A 82 13.82 -7.67 -9.83
N ILE A 83 14.05 -6.47 -10.38
CA ILE A 83 13.04 -5.42 -10.41
C ILE A 83 11.77 -5.83 -11.16
N LYS A 84 11.91 -6.61 -12.23
CA LYS A 84 10.74 -7.04 -12.99
C LYS A 84 9.94 -8.09 -12.23
N GLU A 85 10.61 -8.97 -11.50
CA GLU A 85 9.87 -9.98 -10.74
C GLU A 85 9.14 -9.32 -9.60
N ARG A 86 9.78 -8.34 -8.95
CA ARG A 86 9.14 -7.62 -7.87
C ARG A 86 7.88 -6.92 -8.39
N ALA A 87 7.95 -6.42 -9.63
CA ALA A 87 6.80 -5.75 -10.24
C ALA A 87 5.60 -6.67 -10.30
N LEU A 88 5.84 -7.91 -10.74
CA LEU A 88 4.76 -8.89 -10.84
C LEU A 88 4.25 -9.17 -9.44
N ILE A 89 5.18 -9.46 -8.53
CA ILE A 89 4.84 -9.72 -7.15
C ILE A 89 4.03 -8.55 -6.57
N ASP A 90 4.50 -7.34 -6.77
CA ASP A 90 3.81 -6.16 -6.26
C ASP A 90 2.39 -6.04 -6.79
N MET A 91 2.25 -6.23 -8.09
CA MET A 91 0.95 -6.16 -8.73
C MET A 91 0.03 -7.23 -8.16
N TYR A 92 0.56 -8.43 -7.95
CA TYR A 92 -0.26 -9.51 -7.41
C TYR A 92 -0.66 -9.27 -5.96
N ILE A 93 0.31 -8.92 -5.10
CA ILE A 93 -0.02 -8.73 -3.68
C ILE A 93 -0.83 -7.47 -3.38
N GLU A 94 -0.78 -6.48 -4.27
CA GLU A 94 -1.58 -5.29 -4.02
C GLU A 94 -3.04 -5.61 -4.33
N GLY A 95 -3.24 -6.57 -5.23
CA GLY A 95 -4.59 -7.01 -5.55
C GLY A 95 -5.12 -7.79 -4.35
N ILE A 96 -4.22 -8.56 -3.75
CA ILE A 96 -4.53 -9.38 -2.58
C ILE A 96 -4.84 -8.49 -1.37
N ALA A 97 -4.08 -7.40 -1.22
CA ALA A 97 -4.30 -6.48 -0.11
C ALA A 97 -5.65 -5.75 -0.30
N ASP A 98 -6.02 -5.46 -1.54
CA ASP A 98 -7.28 -4.76 -1.78
C ASP A 98 -8.46 -5.59 -1.27
N LEU A 99 -8.40 -6.89 -1.50
CA LEU A 99 -9.45 -7.81 -1.07
C LEU A 99 -9.32 -8.06 0.42
N GLY A 100 -8.08 -8.30 0.85
CA GLY A 100 -7.81 -8.53 2.25
C GLY A 100 -8.31 -7.37 3.09
N GLU A 101 -8.12 -6.16 2.59
CA GLU A 101 -8.55 -4.95 3.29
C GLU A 101 -10.06 -4.95 3.49
N MET A 102 -10.81 -5.30 2.45
CA MET A 102 -12.27 -5.32 2.53
C MET A 102 -12.74 -6.33 3.58
N ILE A 103 -12.06 -7.47 3.63
CA ILE A 103 -12.40 -8.51 4.58
C ILE A 103 -12.02 -8.08 5.98
N LEU A 104 -10.87 -7.42 6.09
CA LEU A 104 -10.37 -6.94 7.38
C LEU A 104 -11.28 -5.89 8.02
N LEU A 105 -11.96 -5.10 7.20
CA LEU A 105 -12.82 -4.04 7.73
C LEU A 105 -14.32 -4.33 7.76
N LEU A 106 -14.71 -5.56 7.45
CA LEU A 106 -16.11 -5.93 7.47
C LEU A 106 -16.71 -5.85 8.87
N PRO A 107 -15.97 -6.26 9.90
CA PRO A 107 -16.48 -6.22 11.28
C PRO A 107 -16.50 -4.83 11.91
N VAL A 108 -15.75 -3.91 11.31
CA VAL A 108 -15.68 -2.54 11.78
C VAL A 108 -16.75 -1.76 11.02
N CYS A 109 -17.16 -2.33 9.90
CA CYS A 109 -18.16 -1.70 9.06
C CYS A 109 -19.43 -1.45 9.85
N PRO A 110 -20.10 -0.31 9.57
CA PRO A 110 -21.32 -0.04 10.31
C PRO A 110 -22.32 -1.18 10.03
N PRO A 111 -23.07 -1.59 11.05
CA PRO A 111 -24.06 -2.67 10.94
C PRO A 111 -25.00 -2.62 9.73
N GLU A 112 -25.70 -1.51 9.57
CA GLU A 112 -26.65 -1.35 8.47
C GLU A 112 -26.15 -1.59 7.04
N GLU A 113 -24.83 -1.66 6.86
CA GLU A 113 -24.31 -1.88 5.51
C GLU A 113 -23.37 -3.08 5.43
N LYS A 114 -23.44 -3.91 6.46
CA LYS A 114 -22.61 -5.11 6.54
C LYS A 114 -23.01 -6.13 5.47
N ASP A 115 -24.32 -6.31 5.27
CA ASP A 115 -24.81 -7.27 4.27
C ASP A 115 -24.33 -6.95 2.86
N ALA A 116 -24.48 -5.68 2.47
CA ALA A 116 -24.08 -5.23 1.14
C ALA A 116 -22.58 -5.36 0.92
N LYS A 117 -21.83 -5.11 1.98
CA LYS A 117 -20.38 -5.20 1.91
C LYS A 117 -19.90 -6.64 1.72
N LEU A 118 -20.50 -7.56 2.47
CA LEU A 118 -20.14 -8.97 2.35
C LEU A 118 -20.50 -9.53 0.96
N ALA A 119 -21.65 -9.13 0.44
CA ALA A 119 -22.09 -9.60 -0.89
C ALA A 119 -21.14 -9.06 -1.96
N LEU A 120 -20.71 -7.82 -1.77
CA LEU A 120 -19.79 -7.15 -2.68
C LEU A 120 -18.45 -7.91 -2.70
N ILE A 121 -18.00 -8.32 -1.52
CA ILE A 121 -16.74 -9.04 -1.40
C ILE A 121 -16.81 -10.40 -2.09
N LYS A 122 -17.92 -11.11 -1.89
CA LYS A 122 -18.08 -12.42 -2.50
C LYS A 122 -18.17 -12.34 -4.02
N GLU A 123 -18.74 -11.26 -4.52
CA GLU A 123 -18.87 -11.07 -5.97
C GLU A 123 -17.47 -10.85 -6.57
N LYS A 124 -16.72 -9.94 -5.95
CA LYS A 124 -15.38 -9.63 -6.42
C LYS A 124 -14.45 -10.84 -6.34
N ILE A 125 -14.61 -11.64 -5.29
CA ILE A 125 -13.79 -12.84 -5.13
C ILE A 125 -14.02 -13.79 -6.30
N LYS A 126 -15.28 -14.07 -6.60
CA LYS A 126 -15.63 -14.98 -7.69
C LYS A 126 -15.35 -14.46 -9.08
N ASN A 127 -15.75 -13.22 -9.36
CA ASN A 127 -15.57 -12.66 -10.69
C ASN A 127 -14.29 -11.87 -10.98
N ARG A 128 -13.65 -11.32 -9.95
CA ARG A 128 -12.46 -10.51 -10.17
C ARG A 128 -11.12 -11.07 -9.67
N TYR A 129 -11.01 -11.33 -8.38
CA TYR A 129 -9.77 -11.81 -7.80
C TYR A 129 -9.40 -13.28 -8.02
N PHE A 130 -10.26 -14.21 -7.66
CA PHE A 130 -9.89 -15.60 -7.88
C PHE A 130 -9.58 -15.92 -9.34
N PRO A 131 -10.37 -15.37 -10.29
CA PRO A 131 -10.04 -15.67 -11.69
C PRO A 131 -8.67 -15.10 -12.08
N ALA A 132 -8.38 -13.88 -11.60
CA ALA A 132 -7.11 -13.22 -11.89
C ALA A 132 -5.92 -14.09 -11.44
N PHE A 133 -6.01 -14.67 -10.27
CA PHE A 133 -4.92 -15.52 -9.77
C PHE A 133 -4.93 -16.92 -10.38
N GLU A 134 -6.10 -17.45 -10.67
CA GLU A 134 -6.19 -18.78 -11.27
C GLU A 134 -5.49 -18.68 -12.62
N LYS A 135 -5.81 -17.62 -13.37
CA LYS A 135 -5.23 -17.35 -14.69
C LYS A 135 -3.71 -17.32 -14.67
N VAL A 136 -3.13 -16.68 -13.64
CA VAL A 136 -1.68 -16.59 -13.53
C VAL A 136 -1.08 -17.97 -13.46
N LEU A 137 -1.66 -18.80 -12.60
CA LEU A 137 -1.17 -20.15 -12.43
C LEU A 137 -1.37 -20.97 -13.70
N LYS A 138 -2.55 -20.88 -14.32
CA LYS A 138 -2.80 -21.65 -15.52
C LYS A 138 -1.94 -21.18 -16.70
N SER A 139 -1.53 -19.91 -16.69
CA SER A 139 -0.73 -19.39 -17.79
C SER A 139 0.62 -20.08 -17.89
N HIS A 140 1.34 -20.16 -16.77
CA HIS A 140 2.67 -20.77 -16.76
C HIS A 140 2.78 -22.19 -16.22
N GLY A 141 1.69 -22.72 -15.66
CA GLY A 141 1.68 -24.08 -15.14
C GLY A 141 2.67 -24.46 -14.04
N GLN A 142 3.26 -23.48 -13.36
CA GLN A 142 4.24 -23.81 -12.32
C GLN A 142 3.64 -23.85 -10.91
N ASP A 143 4.40 -24.36 -9.96
CA ASP A 143 3.91 -24.50 -8.58
C ASP A 143 3.82 -23.20 -7.79
N TYR A 144 4.44 -22.14 -8.28
CA TYR A 144 4.39 -20.87 -7.56
C TYR A 144 3.95 -19.78 -8.50
N LEU A 145 3.51 -18.67 -7.93
CA LEU A 145 3.05 -17.55 -8.72
C LEU A 145 4.17 -16.92 -9.56
N VAL A 146 5.33 -16.69 -8.96
CA VAL A 146 6.41 -16.04 -9.68
C VAL A 146 7.79 -16.70 -9.63
N GLY A 147 8.48 -16.67 -10.77
CA GLY A 147 9.81 -17.23 -10.87
C GLY A 147 9.95 -18.69 -10.51
N ASN A 148 8.83 -19.43 -10.56
CA ASN A 148 8.84 -20.84 -10.24
C ASN A 148 9.63 -21.13 -8.96
N LYS A 149 9.51 -20.19 -8.01
CA LYS A 149 10.19 -20.26 -6.72
C LYS A 149 9.32 -19.56 -5.67
N LEU A 150 9.26 -20.12 -4.47
CA LEU A 150 8.45 -19.52 -3.42
C LEU A 150 8.75 -18.03 -3.23
N SER A 151 7.70 -17.23 -3.00
CA SER A 151 7.85 -15.78 -2.78
C SER A 151 6.73 -15.32 -1.86
N ARG A 152 6.74 -14.03 -1.52
CA ARG A 152 5.70 -13.49 -0.64
C ARG A 152 4.32 -13.55 -1.30
N ALA A 153 4.30 -13.47 -2.62
CA ALA A 153 3.02 -13.54 -3.34
C ALA A 153 2.26 -14.81 -2.96
N ASP A 154 2.97 -15.93 -2.89
CA ASP A 154 2.33 -17.21 -2.56
C ASP A 154 1.87 -17.23 -1.11
N ILE A 155 2.65 -16.63 -0.23
CA ILE A 155 2.30 -16.60 1.19
C ILE A 155 1.08 -15.73 1.43
N HIS A 156 1.09 -14.53 0.87
CA HIS A 156 -0.03 -13.61 1.06
C HIS A 156 -1.29 -14.18 0.44
N LEU A 157 -1.15 -14.81 -0.74
CA LEU A 157 -2.32 -15.37 -1.40
C LEU A 157 -2.97 -16.48 -0.56
N VAL A 158 -2.19 -17.48 -0.16
CA VAL A 158 -2.72 -18.59 0.63
C VAL A 158 -3.29 -18.13 1.96
N GLU A 159 -2.66 -17.14 2.60
CA GLU A 159 -3.21 -16.62 3.85
C GLU A 159 -4.63 -16.14 3.54
N LEU A 160 -4.79 -15.41 2.44
CA LEU A 160 -6.10 -14.91 2.05
C LEU A 160 -7.08 -16.04 1.74
N LEU A 161 -6.58 -17.12 1.16
CA LEU A 161 -7.44 -18.26 0.81
C LEU A 161 -8.07 -18.82 2.07
N TYR A 162 -7.33 -18.78 3.18
CA TYR A 162 -7.86 -19.27 4.44
C TYR A 162 -8.98 -18.36 4.95
N TYR A 163 -8.85 -17.05 4.74
CA TYR A 163 -9.88 -16.10 5.18
C TYR A 163 -11.13 -16.21 4.34
N VAL A 164 -10.94 -16.51 3.06
CA VAL A 164 -12.05 -16.67 2.14
C VAL A 164 -12.81 -17.93 2.53
N GLU A 165 -12.06 -18.94 2.95
CA GLU A 165 -12.63 -20.22 3.36
C GLU A 165 -13.52 -20.07 4.59
N GLU A 166 -13.11 -19.22 5.52
CA GLU A 166 -13.88 -18.99 6.74
C GLU A 166 -15.15 -18.24 6.36
N LEU A 167 -15.01 -17.33 5.41
CA LEU A 167 -16.13 -16.51 4.96
C LEU A 167 -17.17 -17.36 4.21
N ASP A 168 -16.68 -18.19 3.30
CA ASP A 168 -17.55 -19.05 2.49
C ASP A 168 -16.61 -20.05 1.83
N SER A 169 -16.64 -21.30 2.31
CA SER A 169 -15.77 -22.35 1.79
C SER A 169 -16.11 -22.84 0.40
N SER A 170 -17.15 -22.26 -0.21
CA SER A 170 -17.57 -22.66 -1.56
C SER A 170 -16.95 -21.81 -2.66
N LEU A 171 -16.57 -20.59 -2.30
CA LEU A 171 -15.97 -19.65 -3.24
C LEU A 171 -14.78 -20.15 -4.02
N ILE A 172 -13.94 -20.96 -3.39
CA ILE A 172 -12.75 -21.49 -4.06
C ILE A 172 -13.03 -22.77 -4.89
N SER A 173 -14.24 -23.31 -4.77
CA SER A 173 -14.59 -24.56 -5.47
C SER A 173 -14.29 -24.64 -6.97
N SER A 174 -14.58 -23.59 -7.73
CA SER A 174 -14.33 -23.62 -9.17
C SER A 174 -12.92 -23.14 -9.56
N PHE A 175 -12.01 -23.11 -8.60
CA PHE A 175 -10.65 -22.68 -8.87
C PHE A 175 -9.68 -23.76 -8.38
N PRO A 176 -9.57 -24.86 -9.13
CA PRO A 176 -8.70 -25.98 -8.79
C PRO A 176 -7.22 -25.63 -8.57
N LEU A 177 -6.65 -24.81 -9.45
CA LEU A 177 -5.24 -24.46 -9.32
C LEU A 177 -5.00 -23.73 -8.00
N LEU A 178 -5.93 -22.88 -7.60
CA LEU A 178 -5.83 -22.16 -6.33
C LEU A 178 -5.89 -23.16 -5.19
N LYS A 179 -6.87 -24.06 -5.27
CA LYS A 179 -7.04 -25.08 -4.23
C LYS A 179 -5.75 -25.86 -4.08
N ALA A 180 -5.16 -26.21 -5.22
CA ALA A 180 -3.92 -26.97 -5.23
C ALA A 180 -2.75 -26.19 -4.62
N LEU A 181 -2.75 -24.87 -4.84
CA LEU A 181 -1.71 -24.01 -4.30
C LEU A 181 -1.80 -24.00 -2.77
N LYS A 182 -3.01 -23.77 -2.27
CA LYS A 182 -3.26 -23.74 -0.83
C LYS A 182 -2.70 -25.03 -0.22
N THR A 183 -2.93 -26.16 -0.88
CA THR A 183 -2.43 -27.42 -0.35
C THR A 183 -0.92 -27.48 -0.35
N ARG A 184 -0.29 -27.19 -1.50
CA ARG A 184 1.16 -27.23 -1.57
C ARG A 184 1.81 -26.32 -0.52
N ILE A 185 1.43 -25.05 -0.53
CA ILE A 185 1.98 -24.09 0.42
C ILE A 185 1.74 -24.48 1.87
N SER A 186 0.54 -25.00 2.16
CA SER A 186 0.20 -25.40 3.53
C SER A 186 1.08 -26.53 4.04
N ASN A 187 1.58 -27.36 3.12
CA ASN A 187 2.43 -28.45 3.54
C ASN A 187 3.92 -28.19 3.49
N LEU A 188 4.31 -26.94 3.27
CA LEU A 188 5.72 -26.58 3.29
C LEU A 188 6.02 -26.55 4.78
N PRO A 189 7.08 -27.24 5.22
CA PRO A 189 7.50 -27.31 6.63
C PRO A 189 7.19 -26.09 7.50
N THR A 190 7.70 -24.92 7.12
CA THR A 190 7.48 -23.72 7.90
C THR A 190 6.00 -23.32 7.97
N VAL A 191 5.31 -23.34 6.84
CA VAL A 191 3.89 -22.96 6.83
C VAL A 191 3.04 -23.97 7.58
N LYS A 192 3.39 -25.25 7.46
CA LYS A 192 2.63 -26.29 8.15
C LYS A 192 2.74 -26.09 9.66
N LYS A 193 3.91 -25.67 10.12
CA LYS A 193 4.11 -25.46 11.55
C LYS A 193 3.34 -24.22 12.00
N PHE A 194 3.28 -23.20 11.15
CA PHE A 194 2.56 -22.00 11.51
C PHE A 194 1.05 -22.26 11.57
N LEU A 195 0.59 -23.21 10.76
CA LEU A 195 -0.83 -23.57 10.71
C LEU A 195 -1.27 -24.49 11.85
N GLN A 196 -0.30 -25.05 12.56
CA GLN A 196 -0.61 -25.96 13.66
C GLN A 196 -1.12 -25.24 14.90
N PRO A 197 -1.91 -25.94 15.73
CA PRO A 197 -2.45 -25.35 16.96
C PRO A 197 -1.30 -24.94 17.85
N GLY A 198 -1.51 -23.90 18.65
CA GLY A 198 -0.47 -23.44 19.54
C GLY A 198 0.55 -22.52 18.88
N SER A 199 0.44 -22.31 17.57
CA SER A 199 1.38 -21.41 16.89
C SER A 199 0.90 -19.98 17.11
N PRO A 200 1.71 -18.97 16.72
CA PRO A 200 1.29 -17.59 16.91
C PRO A 200 0.18 -17.14 15.94
N ARG A 201 -0.27 -18.03 15.06
CA ARG A 201 -1.35 -17.67 14.13
C ARG A 201 -2.54 -17.19 14.96
N LYS A 202 -3.18 -16.12 14.52
CA LYS A 202 -4.28 -15.55 15.26
C LYS A 202 -5.65 -15.98 14.76
N PRO A 203 -6.63 -16.05 15.66
CA PRO A 203 -7.99 -16.45 15.29
C PRO A 203 -8.73 -15.30 14.61
N PRO A 204 -9.87 -15.60 13.97
CA PRO A 204 -10.58 -14.50 13.33
C PRO A 204 -11.11 -13.62 14.45
N MET A 205 -11.27 -12.32 14.19
CA MET A 205 -11.78 -11.38 15.18
C MET A 205 -13.16 -11.83 15.65
N ASP A 206 -13.36 -11.92 16.96
CA ASP A 206 -14.64 -12.35 17.50
C ASP A 206 -15.54 -11.22 18.01
N GLU A 207 -15.45 -10.94 19.30
CA GLU A 207 -16.26 -9.89 19.91
C GLU A 207 -15.47 -9.17 20.98
N LYS A 208 -15.19 -9.90 22.04
CA LYS A 208 -14.43 -9.38 23.16
C LYS A 208 -13.22 -8.64 22.59
N SER A 209 -12.63 -9.22 21.54
CA SER A 209 -11.45 -8.67 20.89
C SER A 209 -11.69 -7.44 20.01
N LEU A 210 -12.90 -7.27 19.50
CA LEU A 210 -13.19 -6.09 18.68
C LEU A 210 -13.47 -4.93 19.63
N GLU A 211 -14.11 -5.25 20.74
CA GLU A 211 -14.43 -4.28 21.77
C GLU A 211 -13.11 -3.76 22.35
N GLU A 212 -12.14 -4.65 22.47
CA GLU A 212 -10.84 -4.30 23.00
C GLU A 212 -10.08 -3.42 22.01
N ALA A 213 -10.35 -3.61 20.73
CA ALA A 213 -9.70 -2.83 19.68
C ALA A 213 -10.14 -1.37 19.75
N ARG A 214 -11.45 -1.14 19.72
CA ARG A 214 -11.98 0.22 19.78
C ARG A 214 -11.64 0.88 21.10
N LYS A 215 -11.28 0.07 22.10
CA LYS A 215 -10.92 0.57 23.41
C LYS A 215 -9.48 1.05 23.40
N ILE A 216 -8.57 0.17 23.02
CA ILE A 216 -7.16 0.50 22.96
C ILE A 216 -6.89 1.63 21.98
N PHE A 217 -7.47 1.51 20.79
CA PHE A 217 -7.31 2.52 19.73
C PHE A 217 -8.34 3.64 19.82
N LYS B 1 8.62 5.90 -24.30
CA LYS B 1 7.78 6.44 -23.23
C LYS B 1 6.83 5.48 -22.60
N PRO B 2 6.78 5.51 -21.27
CA PRO B 2 5.90 4.70 -20.46
C PRO B 2 4.51 5.22 -20.90
N LYS B 3 3.49 4.37 -20.93
CA LYS B 3 2.15 4.80 -21.33
C LYS B 3 1.20 4.74 -20.13
N LEU B 4 0.67 5.89 -19.73
CA LEU B 4 -0.23 5.93 -18.57
C LEU B 4 -1.70 5.90 -18.98
N HIS B 5 -2.40 4.89 -18.52
CA HIS B 5 -3.82 4.76 -18.83
C HIS B 5 -4.66 5.18 -17.63
N TYR B 6 -5.40 6.26 -17.80
CA TYR B 6 -6.25 6.76 -16.73
C TYR B 6 -7.16 7.80 -17.36
N PHE B 7 -7.95 8.49 -16.56
CA PHE B 7 -8.79 9.52 -17.14
C PHE B 7 -8.10 10.85 -16.85
N ASN B 8 -8.43 11.87 -17.63
CA ASN B 8 -7.80 13.18 -17.47
C ASN B 8 -8.08 13.82 -16.11
N ALA B 9 -7.34 13.37 -15.10
CA ALA B 9 -7.48 13.91 -13.74
C ALA B 9 -6.35 13.37 -12.88
N ARG B 10 -6.18 13.94 -11.69
CA ARG B 10 -5.13 13.48 -10.80
C ARG B 10 -5.44 12.06 -10.35
N GLY B 11 -6.42 11.91 -9.49
CA GLY B 11 -6.79 10.59 -8.99
C GLY B 11 -5.58 9.80 -8.53
N ARG B 12 -5.63 8.49 -8.74
CA ARG B 12 -4.56 7.61 -8.32
C ARG B 12 -3.34 7.59 -9.22
N MET B 13 -3.37 8.35 -10.31
CA MET B 13 -2.25 8.39 -11.26
C MET B 13 -1.32 9.60 -11.07
N GLU B 14 -1.77 10.61 -10.34
CA GLU B 14 -0.96 11.80 -10.17
C GLU B 14 0.41 11.54 -9.52
N SER B 15 0.46 10.73 -8.46
CA SER B 15 1.76 10.49 -7.83
C SER B 15 2.77 9.88 -8.81
N THR B 16 2.26 9.11 -9.77
CA THR B 16 3.10 8.48 -10.79
C THR B 16 3.61 9.53 -11.76
N ARG B 17 2.73 10.46 -12.12
CA ARG B 17 3.10 11.53 -13.04
C ARG B 17 4.23 12.33 -12.41
N TRP B 18 4.11 12.63 -11.12
CA TRP B 18 5.14 13.37 -10.40
C TRP B 18 6.46 12.60 -10.38
N LEU B 19 6.39 11.29 -10.13
CA LEU B 19 7.60 10.48 -10.05
C LEU B 19 8.33 10.40 -11.38
N LEU B 20 7.62 10.07 -12.45
CA LEU B 20 8.25 9.99 -13.77
C LEU B 20 8.93 11.29 -14.16
N ALA B 21 8.20 12.40 -14.01
CA ALA B 21 8.74 13.70 -14.36
C ALA B 21 9.91 14.07 -13.45
N ALA B 22 9.83 13.65 -12.18
CA ALA B 22 10.91 13.96 -11.26
C ALA B 22 12.18 13.23 -11.72
N ALA B 23 11.98 12.03 -12.28
CA ALA B 23 13.10 11.24 -12.79
C ALA B 23 13.50 11.73 -14.17
N GLY B 24 12.80 12.74 -14.68
CA GLY B 24 13.14 13.25 -15.99
C GLY B 24 12.72 12.30 -17.11
N VAL B 25 11.70 11.50 -16.86
CA VAL B 25 11.24 10.56 -17.89
C VAL B 25 10.00 11.11 -18.58
N GLU B 26 10.05 11.22 -19.90
CA GLU B 26 8.90 11.70 -20.65
C GLU B 26 7.95 10.52 -20.87
N PHE B 27 6.66 10.78 -20.80
CA PHE B 27 5.66 9.73 -20.99
C PHE B 27 4.46 10.21 -21.79
N GLU B 28 3.64 9.24 -22.21
CA GLU B 28 2.40 9.51 -22.96
C GLU B 28 1.23 9.11 -22.09
N GLU B 29 0.10 9.78 -22.27
CA GLU B 29 -1.09 9.46 -21.52
C GLU B 29 -2.21 9.13 -22.49
N LYS B 30 -2.84 7.97 -22.30
CA LYS B 30 -3.96 7.58 -23.15
C LYS B 30 -5.19 7.75 -22.27
N PHE B 31 -5.82 8.92 -22.39
CA PHE B 31 -6.96 9.27 -21.57
C PHE B 31 -8.24 8.49 -21.82
N ILE B 32 -8.74 7.89 -20.75
CA ILE B 32 -9.99 7.15 -20.77
C ILE B 32 -11.04 8.24 -20.66
N LYS B 33 -11.99 8.26 -21.58
CA LYS B 33 -13.03 9.30 -21.58
C LYS B 33 -14.43 8.78 -21.29
N SER B 34 -14.69 7.53 -21.67
CA SER B 34 -16.01 6.96 -21.46
C SER B 34 -15.92 5.68 -20.65
N ALA B 35 -17.07 5.12 -20.35
CA ALA B 35 -17.14 3.86 -19.63
C ALA B 35 -16.75 2.78 -20.64
N GLU B 36 -17.04 3.02 -21.92
CA GLU B 36 -16.68 2.05 -22.95
C GLU B 36 -15.17 1.95 -23.09
N ASP B 37 -14.48 3.09 -23.05
CA ASP B 37 -13.02 3.08 -23.15
C ASP B 37 -12.46 2.19 -22.05
N LEU B 38 -13.03 2.27 -20.85
CA LEU B 38 -12.56 1.43 -19.74
C LEU B 38 -12.86 -0.03 -20.02
N ASP B 39 -14.02 -0.31 -20.60
CA ASP B 39 -14.40 -1.68 -20.93
C ASP B 39 -13.51 -2.29 -22.00
N LYS B 40 -13.04 -1.46 -22.92
CA LYS B 40 -12.18 -1.91 -24.00
C LYS B 40 -10.83 -2.38 -23.45
N LEU B 41 -10.34 -1.69 -22.40
CA LEU B 41 -9.08 -2.06 -21.78
C LEU B 41 -9.29 -3.43 -21.13
N ARG B 42 -10.42 -3.58 -20.45
CA ARG B 42 -10.73 -4.84 -19.79
C ARG B 42 -10.83 -5.97 -20.82
N ASN B 43 -11.69 -5.79 -21.82
CA ASN B 43 -11.87 -6.81 -22.84
C ASN B 43 -10.60 -7.18 -23.59
N ASP B 44 -9.69 -6.22 -23.73
CA ASP B 44 -8.44 -6.50 -24.42
C ASP B 44 -7.45 -7.25 -23.50
N GLY B 45 -7.86 -7.44 -22.25
CA GLY B 45 -7.05 -8.14 -21.27
C GLY B 45 -5.90 -7.35 -20.68
N TYR B 46 -5.98 -6.02 -20.74
CA TYR B 46 -4.92 -5.18 -20.23
C TYR B 46 -4.94 -4.83 -18.74
N LEU B 47 -6.01 -5.18 -18.04
CA LEU B 47 -6.13 -4.86 -16.61
C LEU B 47 -6.31 -6.14 -15.76
N MET B 48 -5.24 -6.56 -15.09
CA MET B 48 -5.29 -7.76 -14.27
C MET B 48 -6.48 -7.83 -13.31
N PHE B 49 -6.87 -6.69 -12.74
CA PHE B 49 -7.99 -6.66 -11.80
C PHE B 49 -9.14 -5.80 -12.33
N GLN B 50 -9.14 -5.57 -13.64
CA GLN B 50 -10.17 -4.76 -14.31
C GLN B 50 -10.18 -3.32 -13.85
N GLN B 51 -9.04 -2.86 -13.34
CA GLN B 51 -8.92 -1.50 -12.85
C GLN B 51 -7.73 -0.74 -13.44
N VAL B 52 -7.79 0.58 -13.31
CA VAL B 52 -6.70 1.45 -13.69
C VAL B 52 -6.45 2.16 -12.34
N PRO B 53 -5.32 2.86 -12.19
CA PRO B 53 -4.27 3.06 -13.17
C PRO B 53 -3.57 1.81 -13.72
N MET B 54 -3.06 1.95 -14.92
CA MET B 54 -2.32 0.88 -15.57
C MET B 54 -1.24 1.59 -16.39
N VAL B 55 -0.01 1.12 -16.28
CA VAL B 55 1.08 1.71 -17.03
C VAL B 55 1.84 0.67 -17.84
N GLU B 56 2.11 0.99 -19.10
CA GLU B 56 2.88 0.11 -19.96
C GLU B 56 4.28 0.66 -19.89
N ILE B 57 5.20 -0.12 -19.35
CA ILE B 57 6.58 0.32 -19.24
C ILE B 57 7.50 -0.86 -19.37
N ASP B 58 8.55 -0.70 -20.16
CA ASP B 58 9.52 -1.75 -20.39
C ASP B 58 8.87 -3.07 -20.79
N GLY B 59 7.87 -3.00 -21.66
CA GLY B 59 7.21 -4.20 -22.14
C GLY B 59 6.17 -4.91 -21.27
N MET B 60 5.85 -4.36 -20.10
CA MET B 60 4.84 -5.00 -19.27
C MET B 60 3.65 -4.06 -19.07
N LYS B 61 2.54 -4.64 -18.66
CA LYS B 61 1.33 -3.88 -18.38
C LYS B 61 1.10 -4.00 -16.88
N LEU B 62 1.51 -2.96 -16.16
CA LEU B 62 1.40 -2.95 -14.71
C LEU B 62 0.23 -2.16 -14.16
N VAL B 63 -0.58 -2.84 -13.35
CA VAL B 63 -1.67 -2.17 -12.67
C VAL B 63 -1.29 -2.12 -11.19
N GLN B 64 -2.08 -1.41 -10.39
CA GLN B 64 -1.88 -1.22 -8.95
C GLN B 64 -0.85 -0.13 -8.72
N THR B 65 -1.31 1.00 -8.21
CA THR B 65 -0.45 2.14 -7.95
C THR B 65 0.95 1.81 -7.41
N ARG B 66 1.00 1.11 -6.28
CA ARG B 66 2.27 0.78 -5.64
C ARG B 66 3.22 -0.06 -6.47
N ALA B 67 2.68 -0.95 -7.30
CA ALA B 67 3.50 -1.79 -8.15
C ALA B 67 4.19 -0.89 -9.17
N ILE B 68 3.45 0.07 -9.71
CA ILE B 68 3.95 1.01 -10.70
C ILE B 68 5.01 1.93 -10.10
N LEU B 69 4.67 2.60 -9.00
CA LEU B 69 5.61 3.49 -8.34
C LEU B 69 6.89 2.77 -7.90
N ASN B 70 6.76 1.58 -7.29
CA ASN B 70 7.90 0.79 -6.82
C ASN B 70 8.89 0.47 -7.94
N TYR B 71 8.35 0.03 -9.07
CA TYR B 71 9.15 -0.30 -10.21
C TYR B 71 9.90 0.92 -10.69
N ILE B 72 9.16 2.00 -10.95
CA ILE B 72 9.76 3.24 -11.42
C ILE B 72 10.80 3.78 -10.45
N ALA B 73 10.49 3.73 -9.15
CA ALA B 73 11.40 4.21 -8.12
C ALA B 73 12.75 3.48 -8.19
N SER B 74 12.70 2.15 -8.26
CA SER B 74 13.91 1.32 -8.34
C SER B 74 14.67 1.53 -9.64
N LYS B 75 13.95 1.54 -10.75
CA LYS B 75 14.59 1.71 -12.04
C LYS B 75 15.45 2.96 -12.14
N TYR B 76 14.95 4.07 -11.60
CA TYR B 76 15.70 5.33 -11.68
C TYR B 76 16.41 5.69 -10.38
N ASN B 77 16.75 4.66 -9.61
CA ASN B 77 17.47 4.82 -8.33
C ASN B 77 16.91 5.91 -7.41
N LEU B 78 15.60 5.87 -7.20
CA LEU B 78 14.93 6.83 -6.34
C LEU B 78 14.31 6.07 -5.18
N TYR B 79 14.79 4.85 -4.99
CA TYR B 79 14.28 3.99 -3.94
C TYR B 79 15.30 3.65 -2.85
N GLY B 80 16.29 4.52 -2.68
CA GLY B 80 17.32 4.27 -1.66
C GLY B 80 18.46 3.44 -2.21
N LYS B 81 19.56 3.33 -1.47
CA LYS B 81 20.69 2.55 -1.92
C LYS B 81 20.70 1.12 -1.39
N ASP B 82 19.93 0.87 -0.33
CA ASP B 82 19.87 -0.46 0.23
C ASP B 82 18.53 -0.80 0.88
N ILE B 83 18.43 -2.00 1.44
CA ILE B 83 17.24 -2.52 2.09
C ILE B 83 16.77 -1.67 3.28
N LYS B 84 17.71 -1.15 4.04
CA LYS B 84 17.36 -0.34 5.20
C LYS B 84 16.83 1.00 4.78
N GLU B 85 17.43 1.60 3.76
CA GLU B 85 16.95 2.89 3.29
C GLU B 85 15.58 2.73 2.65
N ARG B 86 15.35 1.57 2.02
CA ARG B 86 14.04 1.35 1.40
C ARG B 86 12.99 1.26 2.50
N ALA B 87 13.37 0.73 3.65
CA ALA B 87 12.42 0.60 4.74
C ALA B 87 12.01 1.99 5.22
N LEU B 88 13.00 2.87 5.40
CA LEU B 88 12.72 4.23 5.84
C LEU B 88 11.87 4.92 4.78
N ILE B 89 12.26 4.73 3.52
CA ILE B 89 11.50 5.34 2.44
C ILE B 89 10.06 4.84 2.47
N ASP B 90 9.88 3.53 2.59
CA ASP B 90 8.55 2.95 2.63
C ASP B 90 7.73 3.40 3.82
N MET B 91 8.38 3.56 4.97
CA MET B 91 7.67 3.98 6.16
C MET B 91 7.16 5.40 5.94
N TYR B 92 8.03 6.25 5.41
CA TYR B 92 7.69 7.64 5.14
C TYR B 92 6.56 7.78 4.13
N ILE B 93 6.74 7.20 2.95
CA ILE B 93 5.72 7.35 1.92
C ILE B 93 4.40 6.68 2.23
N GLU B 94 4.41 5.64 3.06
CA GLU B 94 3.16 5.00 3.42
C GLU B 94 2.37 5.91 4.35
N GLY B 95 3.09 6.68 5.17
CA GLY B 95 2.41 7.62 6.05
C GLY B 95 1.80 8.66 5.13
N ILE B 96 2.55 9.04 4.10
CA ILE B 96 2.11 10.02 3.11
C ILE B 96 0.88 9.50 2.39
N ALA B 97 0.95 8.23 1.97
CA ALA B 97 -0.15 7.60 1.27
C ALA B 97 -1.43 7.61 2.11
N ASP B 98 -1.29 7.40 3.43
CA ASP B 98 -2.44 7.42 4.33
C ASP B 98 -3.13 8.78 4.36
N LEU B 99 -2.33 9.83 4.47
CA LEU B 99 -2.85 11.20 4.52
C LEU B 99 -3.42 11.61 3.18
N GLY B 100 -2.85 11.05 2.11
CA GLY B 100 -3.32 11.37 0.78
C GLY B 100 -4.63 10.70 0.48
N GLU B 101 -4.76 9.44 0.91
CA GLU B 101 -5.99 8.68 0.69
C GLU B 101 -7.17 9.40 1.34
N MET B 102 -6.91 10.04 2.48
CA MET B 102 -7.93 10.79 3.22
C MET B 102 -8.41 12.00 2.42
N ILE B 103 -7.46 12.74 1.86
CA ILE B 103 -7.79 13.90 1.06
C ILE B 103 -8.40 13.45 -0.28
N LEU B 104 -7.78 12.46 -0.91
CA LEU B 104 -8.22 11.92 -2.20
C LEU B 104 -9.68 11.44 -2.21
N LEU B 105 -10.19 11.05 -1.04
CA LEU B 105 -11.57 10.54 -0.97
C LEU B 105 -12.56 11.51 -0.34
N LEU B 106 -12.06 12.60 0.21
CA LEU B 106 -12.88 13.61 0.87
C LEU B 106 -14.17 13.99 0.12
N PRO B 107 -14.07 14.33 -1.18
CA PRO B 107 -15.24 14.71 -1.99
C PRO B 107 -16.25 13.58 -2.21
N VAL B 108 -15.75 12.34 -2.24
CA VAL B 108 -16.62 11.19 -2.43
C VAL B 108 -17.12 10.65 -1.09
N GLU B 113 -20.90 13.90 6.26
CA GLU B 113 -19.76 13.75 7.16
C GLU B 113 -18.62 14.64 6.66
N LYS B 114 -18.93 15.53 5.72
CA LYS B 114 -17.94 16.43 5.13
C LYS B 114 -17.13 17.25 6.13
N ASP B 115 -17.78 18.20 6.80
CA ASP B 115 -17.13 19.06 7.78
C ASP B 115 -16.31 18.30 8.80
N ALA B 116 -16.96 17.35 9.48
CA ALA B 116 -16.31 16.53 10.50
C ALA B 116 -15.02 15.92 10.01
N LYS B 117 -15.03 15.38 8.78
CA LYS B 117 -13.83 14.76 8.24
C LYS B 117 -12.73 15.76 7.95
N LEU B 118 -13.06 16.83 7.25
CA LEU B 118 -12.10 17.88 6.92
C LEU B 118 -11.37 18.37 8.15
N ALA B 119 -12.12 18.66 9.20
CA ALA B 119 -11.55 19.14 10.45
C ALA B 119 -10.61 18.10 11.06
N LEU B 120 -10.88 16.83 10.76
CA LEU B 120 -10.07 15.75 11.29
C LEU B 120 -8.78 15.64 10.49
N ILE B 121 -8.88 15.75 9.16
CA ILE B 121 -7.71 15.68 8.32
C ILE B 121 -6.73 16.77 8.71
N LYS B 122 -7.23 18.00 8.87
CA LYS B 122 -6.38 19.12 9.24
C LYS B 122 -5.68 18.92 10.57
N GLU B 123 -6.41 18.37 11.54
CA GLU B 123 -5.82 18.12 12.86
C GLU B 123 -4.70 17.08 12.75
N LYS B 124 -4.91 16.05 11.94
CA LYS B 124 -3.89 15.00 11.77
C LYS B 124 -2.66 15.56 11.07
N ILE B 125 -2.86 16.44 10.10
CA ILE B 125 -1.75 17.05 9.38
C ILE B 125 -0.91 17.90 10.34
N LYS B 126 -1.60 18.70 11.13
CA LYS B 126 -1.00 19.61 12.09
C LYS B 126 -0.37 18.93 13.29
N ASN B 127 -1.00 17.87 13.79
CA ASN B 127 -0.49 17.20 14.98
C ASN B 127 0.16 15.84 14.78
N ARG B 128 0.03 15.27 13.59
CA ARG B 128 0.60 13.95 13.34
C ARG B 128 1.56 13.88 12.16
N TYR B 129 1.07 14.13 10.97
CA TYR B 129 1.92 14.02 9.79
C TYR B 129 3.03 15.04 9.59
N PHE B 130 2.71 16.33 9.63
CA PHE B 130 3.77 17.32 9.45
C PHE B 130 4.83 17.23 10.54
N PRO B 131 4.42 17.05 11.80
CA PRO B 131 5.44 16.95 12.85
C PRO B 131 6.37 15.75 12.61
N ALA B 132 5.80 14.65 12.12
CA ALA B 132 6.60 13.45 11.86
C ALA B 132 7.71 13.71 10.85
N PHE B 133 7.36 14.32 9.72
CA PHE B 133 8.35 14.62 8.69
C PHE B 133 9.26 15.77 9.08
N GLU B 134 8.72 16.79 9.73
CA GLU B 134 9.53 17.92 10.17
C GLU B 134 10.63 17.33 11.06
N LYS B 135 10.22 16.46 11.98
CA LYS B 135 11.14 15.80 12.89
C LYS B 135 12.24 15.10 12.09
N VAL B 136 11.84 14.41 11.03
CA VAL B 136 12.80 13.69 10.19
C VAL B 136 13.88 14.61 9.66
N LEU B 137 13.46 15.72 9.07
CA LEU B 137 14.40 16.68 8.51
C LEU B 137 15.32 17.30 9.57
N LYS B 138 14.79 17.50 10.77
CA LYS B 138 15.59 18.10 11.84
C LYS B 138 16.58 17.11 12.41
N SER B 139 16.23 15.83 12.40
CA SER B 139 17.10 14.78 12.95
C SER B 139 18.47 14.69 12.26
N HIS B 140 18.51 14.94 10.96
CA HIS B 140 19.79 14.87 10.24
C HIS B 140 20.20 16.16 9.56
N GLY B 141 19.29 17.12 9.53
CA GLY B 141 19.57 18.41 8.92
C GLY B 141 20.00 18.38 7.47
N GLN B 142 19.62 17.34 6.73
CA GLN B 142 19.99 17.25 5.33
C GLN B 142 18.89 17.69 4.36
N ASP B 143 19.27 17.99 3.12
CA ASP B 143 18.32 18.48 2.12
C ASP B 143 17.28 17.47 1.64
N TYR B 144 17.56 16.19 1.83
CA TYR B 144 16.63 15.15 1.41
C TYR B 144 16.22 14.34 2.62
N LEU B 145 15.07 13.68 2.52
CA LEU B 145 14.55 12.88 3.61
C LEU B 145 15.39 11.66 3.97
N VAL B 146 15.90 10.96 2.96
CA VAL B 146 16.67 9.76 3.21
C VAL B 146 18.02 9.65 2.50
N GLY B 147 19.01 9.16 3.23
CA GLY B 147 20.35 8.98 2.70
C GLY B 147 20.96 10.20 2.03
N ASN B 148 20.51 11.40 2.41
CA ASN B 148 21.04 12.64 1.86
C ASN B 148 21.19 12.56 0.33
N LYS B 149 20.13 12.10 -0.33
CA LYS B 149 20.09 11.95 -1.78
C LYS B 149 18.62 11.94 -2.16
N LEU B 150 18.28 12.54 -3.31
CA LEU B 150 16.89 12.58 -3.73
C LEU B 150 16.33 11.17 -3.82
N SER B 151 15.11 11.00 -3.34
CA SER B 151 14.44 9.71 -3.40
C SER B 151 12.97 9.99 -3.60
N ARG B 152 12.22 8.96 -3.94
CA ARG B 152 10.78 9.09 -4.13
C ARG B 152 10.13 9.70 -2.89
N ALA B 153 10.73 9.52 -1.72
CA ALA B 153 10.14 10.10 -0.50
C ALA B 153 10.05 11.62 -0.62
N ASP B 154 11.10 12.24 -1.13
CA ASP B 154 11.10 13.69 -1.28
C ASP B 154 10.01 14.15 -2.25
N ILE B 155 9.88 13.43 -3.38
CA ILE B 155 8.89 13.79 -4.38
C ILE B 155 7.45 13.62 -3.90
N HIS B 156 7.12 12.47 -3.32
CA HIS B 156 5.75 12.27 -2.85
C HIS B 156 5.36 13.24 -1.74
N LEU B 157 6.30 13.52 -0.83
CA LEU B 157 6.01 14.44 0.27
C LEU B 157 5.75 15.83 -0.28
N VAL B 158 6.66 16.30 -1.12
CA VAL B 158 6.55 17.61 -1.74
C VAL B 158 5.24 17.70 -2.53
N GLU B 159 4.88 16.64 -3.24
CA GLU B 159 3.63 16.66 -3.98
C GLU B 159 2.50 16.90 -2.99
N LEU B 160 2.54 16.17 -1.87
CA LEU B 160 1.54 16.30 -0.82
C LEU B 160 1.54 17.72 -0.21
N LEU B 161 2.73 18.30 -0.05
CA LEU B 161 2.83 19.66 0.49
C LEU B 161 2.02 20.61 -0.39
N TYR B 162 2.07 20.40 -1.70
CA TYR B 162 1.30 21.23 -2.61
C TYR B 162 -0.22 21.03 -2.42
N TYR B 163 -0.66 19.77 -2.29
CA TYR B 163 -2.08 19.49 -2.09
C TYR B 163 -2.57 20.11 -0.80
N VAL B 164 -1.76 19.99 0.25
CA VAL B 164 -2.11 20.54 1.54
C VAL B 164 -2.22 22.06 1.43
N GLU B 165 -1.40 22.66 0.58
CA GLU B 165 -1.45 24.10 0.39
C GLU B 165 -2.79 24.48 -0.24
N GLU B 166 -3.22 23.74 -1.26
CA GLU B 166 -4.48 24.01 -1.94
C GLU B 166 -5.66 23.90 -0.96
N LEU B 167 -5.48 23.09 0.08
CA LEU B 167 -6.52 22.85 1.08
C LEU B 167 -6.54 23.92 2.16
N ASP B 168 -5.47 24.41 2.57
CA ASP B 168 -5.31 25.39 3.64
C ASP B 168 -3.83 25.73 3.71
N SER B 169 -3.37 26.82 3.11
CA SER B 169 -1.99 27.25 3.06
C SER B 169 -1.39 27.62 4.42
N SER B 170 -2.20 27.67 5.46
CA SER B 170 -1.70 28.02 6.79
C SER B 170 -1.15 26.81 7.55
N LEU B 171 -1.55 25.62 7.10
CA LEU B 171 -1.14 24.37 7.74
C LEU B 171 0.36 24.07 7.80
N ILE B 172 1.11 24.62 6.84
CA ILE B 172 2.55 24.36 6.80
C ILE B 172 3.36 25.49 7.44
N SER B 173 2.67 26.42 8.07
CA SER B 173 3.33 27.57 8.68
C SER B 173 4.26 27.29 9.86
N SER B 174 3.87 26.40 10.75
CA SER B 174 4.71 26.10 11.91
C SER B 174 5.76 25.03 11.61
N PHE B 175 6.00 24.78 10.34
CA PHE B 175 6.97 23.76 9.93
C PHE B 175 7.99 24.31 8.94
N PRO B 176 8.96 25.10 9.44
CA PRO B 176 9.99 25.69 8.57
C PRO B 176 10.71 24.72 7.64
N LEU B 177 11.15 23.58 8.16
CA LEU B 177 11.87 22.61 7.33
C LEU B 177 11.05 22.07 6.15
N LEU B 178 9.79 21.68 6.38
CA LEU B 178 8.96 21.17 5.29
C LEU B 178 8.88 22.25 4.23
N LYS B 179 8.78 23.48 4.71
CA LYS B 179 8.70 24.66 3.86
C LYS B 179 9.95 24.71 2.97
N ALA B 180 11.11 24.55 3.58
CA ALA B 180 12.39 24.59 2.88
C ALA B 180 12.54 23.44 1.88
N LEU B 181 12.20 22.23 2.29
CA LEU B 181 12.29 21.07 1.41
C LEU B 181 11.47 21.35 0.15
N LYS B 182 10.28 21.90 0.34
CA LYS B 182 9.38 22.21 -0.75
C LYS B 182 10.00 23.15 -1.78
N THR B 183 10.74 24.15 -1.30
CA THR B 183 11.41 25.10 -2.18
C THR B 183 12.61 24.48 -2.91
N ARG B 184 13.43 23.70 -2.21
CA ARG B 184 14.59 23.10 -2.88
C ARG B 184 14.13 22.10 -3.94
N ILE B 185 13.23 21.20 -3.55
CA ILE B 185 12.72 20.20 -4.46
C ILE B 185 12.05 20.84 -5.68
N SER B 186 11.18 21.82 -5.43
CA SER B 186 10.48 22.49 -6.53
C SER B 186 11.48 23.16 -7.47
N ASN B 187 12.70 23.39 -6.98
CA ASN B 187 13.70 24.02 -7.81
C ASN B 187 14.56 23.07 -8.61
N LEU B 188 14.49 21.78 -8.29
CA LEU B 188 15.25 20.80 -9.06
C LEU B 188 14.73 20.97 -10.50
N PRO B 189 15.65 21.06 -11.48
CA PRO B 189 15.31 21.23 -12.89
C PRO B 189 14.13 20.42 -13.40
N THR B 190 14.13 19.12 -13.10
CA THR B 190 13.05 18.24 -13.56
C THR B 190 11.73 18.55 -12.88
N VAL B 191 11.75 18.76 -11.57
CA VAL B 191 10.52 19.05 -10.87
C VAL B 191 10.01 20.44 -11.25
N LYS B 192 10.93 21.39 -11.40
CA LYS B 192 10.56 22.76 -11.78
C LYS B 192 9.84 22.73 -13.13
N LYS B 193 10.34 21.90 -14.04
CA LYS B 193 9.75 21.79 -15.36
C LYS B 193 8.32 21.24 -15.28
N PHE B 194 8.12 20.28 -14.37
CA PHE B 194 6.80 19.67 -14.19
C PHE B 194 5.83 20.64 -13.51
N LEU B 195 6.37 21.64 -12.82
CA LEU B 195 5.54 22.62 -12.12
C LEU B 195 5.12 23.81 -12.99
N GLN B 196 5.84 24.07 -14.06
CA GLN B 196 5.50 25.18 -14.92
C GLN B 196 4.28 24.81 -15.79
N PRO B 197 3.57 25.82 -16.31
CA PRO B 197 2.38 25.61 -17.15
C PRO B 197 2.60 24.71 -18.34
N GLY B 198 1.55 24.02 -18.74
CA GLY B 198 1.61 23.13 -19.88
C GLY B 198 2.13 21.75 -19.56
N SER B 199 2.62 21.55 -18.33
CA SER B 199 3.14 20.22 -17.98
C SER B 199 2.01 19.21 -17.81
N PRO B 200 2.35 17.92 -17.76
CA PRO B 200 1.32 16.88 -17.60
C PRO B 200 0.64 16.95 -16.22
N ARG B 201 1.16 17.76 -15.31
CA ARG B 201 0.55 17.85 -13.99
C ARG B 201 -0.91 18.21 -14.13
N LYS B 202 -1.76 17.52 -13.37
CA LYS B 202 -3.19 17.73 -13.42
C LYS B 202 -3.70 18.69 -12.36
N PRO B 203 -4.80 19.38 -12.67
CA PRO B 203 -5.44 20.36 -11.78
C PRO B 203 -6.31 19.68 -10.73
N PRO B 204 -6.71 20.43 -9.69
CA PRO B 204 -7.55 19.87 -8.64
C PRO B 204 -8.83 19.37 -9.28
N MET B 205 -9.42 18.33 -8.70
CA MET B 205 -10.64 17.78 -9.24
C MET B 205 -11.81 18.62 -8.86
N ASP B 206 -12.38 19.23 -9.89
CA ASP B 206 -13.51 20.08 -9.66
C ASP B 206 -14.79 19.26 -9.73
N GLU B 207 -15.91 19.94 -9.85
CA GLU B 207 -17.24 19.28 -9.97
C GLU B 207 -17.25 18.32 -11.15
N LYS B 208 -16.80 18.74 -12.32
CA LYS B 208 -16.79 17.88 -13.56
C LYS B 208 -16.18 16.50 -13.56
N SER B 209 -14.88 16.46 -13.75
CA SER B 209 -14.23 15.14 -13.76
C SER B 209 -14.67 14.28 -12.59
N LEU B 210 -15.26 14.86 -11.55
CA LEU B 210 -15.77 14.06 -10.41
C LEU B 210 -16.98 13.30 -10.95
N GLU B 211 -17.75 13.96 -11.82
CA GLU B 211 -18.91 13.32 -12.42
C GLU B 211 -18.46 12.45 -13.59
N GLU B 212 -17.30 12.80 -14.14
CA GLU B 212 -16.73 12.05 -15.25
C GLU B 212 -16.08 10.79 -14.68
N ALA B 213 -15.58 10.87 -13.45
CA ALA B 213 -14.96 9.72 -12.79
C ALA B 213 -16.12 8.82 -12.40
N ARG B 214 -17.28 9.45 -12.25
CA ARG B 214 -18.50 8.75 -11.90
C ARG B 214 -19.08 8.06 -13.12
N LYS B 215 -19.07 8.79 -14.23
CA LYS B 215 -19.60 8.30 -15.49
C LYS B 215 -18.67 7.23 -16.07
N ILE B 216 -17.39 7.55 -16.19
CA ILE B 216 -16.41 6.62 -16.75
C ILE B 216 -16.34 5.32 -15.94
N PHE B 217 -16.31 5.43 -14.61
CA PHE B 217 -16.24 4.26 -13.77
C PHE B 217 -17.61 3.66 -13.52
#